data_2Z7Q
#
_entry.id   2Z7Q
#
_cell.length_a   52.194
_cell.length_b   53.685
_cell.length_c   119.874
_cell.angle_alpha   90
_cell.angle_beta   90
_cell.angle_gamma   90
#
_symmetry.space_group_name_H-M   'P 21 21 21'
#
loop_
_entity.id
_entity.type
_entity.pdbx_description
1 polymer 'Ribosomal protein S6 kinase alpha-1'
2 non-polymer 'MAGNESIUM ION'
3 non-polymer 'PHOSPHOMETHYLPHOSPHONIC ACID ADENYLATE ESTER'
4 water water
#
_entity_poly.entity_id   1
_entity_poly.type   'polypeptide(L)'
_entity_poly.pdbx_seq_one_letter_code
;QPSKDEGVLKEISITHHVKAGSEKADPSHFELLKVLGQGSFGKVFLVRKVTRPDSGHLYAMKVLKKATLKVRDRVRTKME
RDILADVNHPFVVKLHYAFQTEGKLYLILDFLRGGDLFTRLSKEVMFTEEDVKFYLAELALGLDHLHSLGIIYRDLKPEN
ILLDEEGHIKLTDFGLSKEAIDHEKKAYSFCGTVEYMAPEVVNRQGHSHSADWWSYGVLMFEMLTGSLPFQGKDRKETMT
LILKAKLGMPQFLSTEAQSLLRALFKRNPANRLGSGPDGAEEIKRHVFYSTIDWNKLYRREIKPPFKPAVAQPDDTFYFD
T
;
_entity_poly.pdbx_strand_id   A
#
loop_
_chem_comp.id
_chem_comp.type
_chem_comp.name
_chem_comp.formula
ACP non-polymer 'PHOSPHOMETHYLPHOSPHONIC ACID ADENYLATE ESTER' 'C11 H18 N5 O12 P3'
MG non-polymer 'MAGNESIUM ION' 'Mg 2'
#
# COMPACT_ATOMS: atom_id res chain seq x y z
N LYS A 24 25.53 12.51 18.20
CA LYS A 24 24.87 11.34 17.53
C LYS A 24 23.48 11.04 18.13
N ALA A 25 22.65 10.31 17.37
CA ALA A 25 21.28 9.91 17.71
C ALA A 25 20.82 9.60 19.13
N ASP A 26 19.58 9.94 19.45
CA ASP A 26 19.05 9.65 20.78
C ASP A 26 17.58 10.07 20.80
N PRO A 27 16.74 9.35 21.56
CA PRO A 27 15.32 9.68 21.64
C PRO A 27 15.03 11.05 22.25
N SER A 28 15.99 11.57 22.99
CA SER A 28 15.85 12.89 23.62
C SER A 28 15.96 13.96 22.54
N HIS A 29 16.40 13.55 21.35
CA HIS A 29 16.56 14.47 20.23
C HIS A 29 15.22 14.77 19.56
N PHE A 30 14.17 14.12 20.04
CA PHE A 30 12.84 14.32 19.50
C PHE A 30 11.83 14.52 20.62
N GLU A 31 11.07 15.60 20.55
CA GLU A 31 10.05 15.86 21.56
C GLU A 31 8.73 15.31 21.03
N LEU A 32 7.98 14.62 21.88
CA LEU A 32 6.70 14.04 21.47
C LEU A 32 5.63 15.11 21.36
N LEU A 33 4.91 15.10 20.24
CA LEU A 33 3.84 16.07 20.03
C LEU A 33 2.48 15.44 20.25
N LYS A 34 2.26 14.26 19.66
CA LYS A 34 0.98 13.57 19.81
C LYS A 34 1.10 12.11 19.40
N VAL A 35 0.30 11.24 20.03
CA VAL A 35 0.32 9.81 19.73
C VAL A 35 -0.60 9.53 18.56
N LEU A 36 -0.04 9.70 17.36
CA LEU A 36 -0.75 9.49 16.10
C LEU A 36 -1.56 8.21 16.12
N GLY A 37 -1.00 7.14 16.66
CA GLY A 37 -1.75 5.91 16.72
C GLY A 37 -0.89 4.72 17.10
N GLN A 38 -1.44 3.53 16.87
CA GLN A 38 -0.77 2.28 17.18
C GLN A 38 -1.38 1.15 16.35
N GLY A 39 -0.56 0.19 15.96
CA GLY A 39 -1.06 -0.92 15.18
C GLY A 39 -0.76 -2.26 15.81
N SER A 40 -0.71 -3.31 15.00
CA SER A 40 -0.42 -4.65 15.50
C SER A 40 1.08 -4.88 15.56
N PHE A 41 1.86 -3.82 15.37
CA PHE A 41 3.32 -3.92 15.40
C PHE A 41 4.00 -2.69 16.02
N GLY A 42 3.33 -2.07 17.00
CA GLY A 42 3.93 -0.92 17.64
C GLY A 42 3.05 0.31 17.72
N LYS A 43 3.62 1.41 18.22
CA LYS A 43 2.90 2.66 18.37
C LYS A 43 3.62 3.74 17.56
N VAL A 44 2.84 4.67 16.98
CA VAL A 44 3.39 5.75 16.17
C VAL A 44 3.12 7.12 16.77
N PHE A 45 4.17 7.93 16.88
CA PHE A 45 4.03 9.27 17.43
C PHE A 45 4.46 10.34 16.44
N LEU A 46 3.84 11.51 16.56
CA LEU A 46 4.18 12.66 15.72
C LEU A 46 5.25 13.37 16.55
N VAL A 47 6.47 13.45 16.03
CA VAL A 47 7.55 14.09 16.76
C VAL A 47 8.18 15.26 16.03
N ARG A 48 8.99 16.02 16.76
CA ARG A 48 9.70 17.18 16.21
C ARG A 48 11.15 17.09 16.66
N LYS A 49 12.07 16.98 15.71
CA LYS A 49 13.49 16.89 16.04
C LYS A 49 13.95 18.22 16.64
N VAL A 50 14.69 18.14 17.74
CA VAL A 50 15.17 19.35 18.41
C VAL A 50 16.65 19.64 18.17
N THR A 51 17.32 18.71 17.49
CA THR A 51 18.74 18.86 17.20
C THR A 51 19.00 19.20 15.73
N ARG A 52 20.06 19.98 15.50
CA ARG A 52 20.47 20.37 14.15
C ARG A 52 20.96 19.12 13.43
N PRO A 53 21.04 19.18 12.09
CA PRO A 53 20.71 20.33 11.23
C PRO A 53 19.24 20.49 10.86
N ASP A 54 18.44 19.47 11.14
CA ASP A 54 17.03 19.51 10.80
C ASP A 54 16.14 19.84 11.99
N SER A 55 16.68 20.59 12.96
CA SER A 55 15.91 20.94 14.14
C SER A 55 14.60 21.62 13.76
N GLY A 56 13.52 21.21 14.41
CA GLY A 56 12.23 21.79 14.11
C GLY A 56 11.44 20.93 13.14
N HIS A 57 12.12 20.09 12.37
CA HIS A 57 11.44 19.24 11.40
C HIS A 57 10.53 18.19 12.03
N LEU A 58 9.35 18.01 11.46
CA LEU A 58 8.40 17.03 11.96
C LEU A 58 8.64 15.67 11.34
N TYR A 59 8.48 14.61 12.14
CA TYR A 59 8.66 13.25 11.66
C TYR A 59 7.65 12.33 12.33
N ALA A 60 7.53 11.13 11.79
CA ALA A 60 6.65 10.13 12.35
C ALA A 60 7.57 9.15 13.05
N MET A 61 7.38 8.98 14.36
CA MET A 61 8.22 8.05 15.09
C MET A 61 7.46 6.77 15.42
N LYS A 62 8.05 5.64 15.03
CA LYS A 62 7.47 4.32 15.26
C LYS A 62 8.37 3.59 16.27
N VAL A 63 7.74 2.95 17.25
CA VAL A 63 8.51 2.21 18.25
C VAL A 63 8.21 0.70 18.26
N LEU A 64 9.26 -0.10 18.17
CA LEU A 64 9.10 -1.55 18.17
C LEU A 64 9.93 -2.17 19.30
N ILE A 83 13.99 -8.23 7.50
CA ILE A 83 13.07 -7.07 7.59
C ILE A 83 13.77 -5.74 7.24
N LEU A 84 13.88 -5.52 5.94
CA LEU A 84 14.58 -4.38 5.36
C LEU A 84 13.71 -3.14 5.51
N ALA A 85 14.23 -2.11 6.17
CA ALA A 85 13.42 -0.93 6.44
C ALA A 85 13.85 0.36 5.74
N ASP A 86 15.02 0.42 5.12
CA ASP A 86 15.45 1.66 4.44
C ASP A 86 15.37 1.57 2.91
N VAL A 87 14.27 2.05 2.33
CA VAL A 87 14.08 2.00 0.89
C VAL A 87 14.02 3.42 0.33
N ASN A 88 14.57 3.60 -0.87
CA ASN A 88 14.57 4.91 -1.51
C ASN A 88 13.74 4.90 -2.78
N HIS A 89 12.57 5.53 -2.73
CA HIS A 89 11.67 5.58 -3.87
C HIS A 89 10.65 6.72 -3.67
N PRO A 90 10.21 7.34 -4.77
CA PRO A 90 9.24 8.44 -4.73
C PRO A 90 7.93 8.09 -4.04
N PHE A 91 7.56 6.81 -4.05
CA PHE A 91 6.30 6.40 -3.46
C PHE A 91 6.39 5.44 -2.27
N VAL A 92 7.57 5.39 -1.66
CA VAL A 92 7.80 4.54 -0.50
C VAL A 92 8.24 5.48 0.62
N VAL A 93 7.67 5.33 1.81
CA VAL A 93 8.02 6.20 2.94
C VAL A 93 9.54 6.15 3.14
N LYS A 94 10.13 7.28 3.50
CA LYS A 94 11.58 7.33 3.72
C LYS A 94 11.97 7.23 5.19
N LEU A 95 13.00 6.43 5.46
CA LEU A 95 13.52 6.25 6.82
C LEU A 95 14.69 7.22 6.97
N HIS A 96 14.58 8.15 7.91
CA HIS A 96 15.64 9.13 8.13
C HIS A 96 16.64 8.69 9.20
N TYR A 97 16.12 8.22 10.32
CA TYR A 97 16.99 7.77 11.39
C TYR A 97 16.57 6.41 11.92
N ALA A 98 17.53 5.70 12.50
CA ALA A 98 17.29 4.39 13.07
C ALA A 98 18.26 4.19 14.23
N PHE A 99 17.73 4.07 15.44
CA PHE A 99 18.56 3.86 16.61
C PHE A 99 17.84 2.98 17.62
N GLN A 100 18.60 2.33 18.48
CA GLN A 100 18.02 1.43 19.46
C GLN A 100 18.16 1.89 20.91
N THR A 101 17.02 2.17 21.53
CA THR A 101 16.97 2.57 22.93
C THR A 101 16.44 1.33 23.61
N GLU A 102 17.29 0.75 24.44
CA GLU A 102 17.03 -0.48 25.18
C GLU A 102 15.59 -0.93 25.40
N GLY A 103 15.31 -2.13 24.87
CA GLY A 103 13.99 -2.71 24.97
C GLY A 103 13.22 -2.42 23.71
N LYS A 104 13.53 -1.29 23.07
CA LYS A 104 12.84 -0.87 21.87
C LYS A 104 13.73 -0.29 20.78
N LEU A 105 13.23 -0.30 19.55
CA LEU A 105 13.96 0.23 18.40
C LEU A 105 13.12 1.37 17.83
N TYR A 106 13.75 2.52 17.65
CA TYR A 106 13.07 3.70 17.12
C TYR A 106 13.28 3.84 15.61
N LEU A 107 12.21 4.21 14.92
CA LEU A 107 12.27 4.40 13.47
C LEU A 107 11.69 5.78 13.16
N ILE A 108 12.53 6.67 12.63
CA ILE A 108 12.08 8.01 12.29
C ILE A 108 11.81 8.07 10.78
N LEU A 109 10.54 8.25 10.42
CA LEU A 109 10.12 8.28 9.03
C LEU A 109 9.46 9.59 8.64
N ASP A 110 9.18 9.75 7.35
CA ASP A 110 8.52 10.95 6.87
C ASP A 110 7.19 11.09 7.60
N PHE A 111 6.79 12.33 7.83
CA PHE A 111 5.51 12.56 8.47
C PHE A 111 4.61 12.88 7.29
N LEU A 112 3.69 11.97 6.97
CA LEU A 112 2.78 12.20 5.85
C LEU A 112 1.53 12.90 6.38
N ARG A 113 1.31 14.14 5.95
CA ARG A 113 0.17 14.93 6.43
C ARG A 113 -1.19 14.65 5.78
N GLY A 114 -1.18 14.01 4.60
CA GLY A 114 -2.43 13.75 3.90
C GLY A 114 -3.35 12.65 4.39
N GLY A 115 -3.00 11.98 5.48
CA GLY A 115 -3.85 10.92 5.99
C GLY A 115 -3.74 9.65 5.16
N ASP A 116 -4.63 8.69 5.39
CA ASP A 116 -4.59 7.43 4.66
C ASP A 116 -5.77 7.23 3.70
N LEU A 117 -5.60 6.33 2.75
CA LEU A 117 -6.65 6.06 1.77
C LEU A 117 -7.92 5.48 2.37
N PHE A 118 -7.80 4.68 3.43
CA PHE A 118 -8.98 4.11 4.04
C PHE A 118 -9.84 5.22 4.62
N THR A 119 -9.20 6.15 5.31
CA THR A 119 -9.91 7.28 5.89
C THR A 119 -10.64 8.06 4.81
N ARG A 120 -9.98 8.33 3.69
CA ARG A 120 -10.63 9.08 2.61
C ARG A 120 -11.74 8.26 1.94
N LEU A 121 -11.53 6.95 1.83
CA LEU A 121 -12.52 6.07 1.23
C LEU A 121 -13.77 6.09 2.09
N SER A 122 -13.55 6.10 3.40
CA SER A 122 -14.64 6.08 4.38
C SER A 122 -15.53 7.29 4.20
N LYS A 123 -14.90 8.43 3.95
CA LYS A 123 -15.65 9.65 3.72
C LYS A 123 -16.33 9.75 2.34
N GLU A 124 -15.63 9.35 1.29
CA GLU A 124 -16.12 9.44 -0.08
C GLU A 124 -16.96 8.25 -0.58
N VAL A 125 -16.79 7.15 0.16
CA VAL A 125 -17.51 5.92 -0.12
C VAL A 125 -17.13 5.30 -1.41
N MET A 126 -16.23 5.86 -2.21
CA MET A 126 -15.85 5.25 -3.48
C MET A 126 -15.19 6.36 -4.27
N PHE A 127 -14.13 6.02 -5.01
CA PHE A 127 -13.38 6.99 -5.81
C PHE A 127 -13.77 6.82 -7.27
N THR A 128 -13.53 7.86 -8.06
CA THR A 128 -13.83 7.84 -9.48
C THR A 128 -12.70 7.02 -10.12
N GLU A 129 -12.91 6.48 -11.31
CA GLU A 129 -11.86 5.70 -11.94
C GLU A 129 -10.60 6.55 -12.17
N GLU A 130 -10.80 7.84 -12.44
CA GLU A 130 -9.68 8.76 -12.65
C GLU A 130 -8.79 8.76 -11.42
N ASP A 131 -9.40 8.94 -10.25
CA ASP A 131 -8.64 8.96 -9.01
C ASP A 131 -8.01 7.60 -8.74
N VAL A 132 -8.78 6.56 -8.97
CA VAL A 132 -8.28 5.21 -8.73
C VAL A 132 -7.09 4.88 -9.62
N LYS A 133 -7.19 5.24 -10.90
CA LYS A 133 -6.10 5.00 -11.84
C LYS A 133 -4.81 5.64 -11.35
N PHE A 134 -4.91 6.88 -10.87
CA PHE A 134 -3.74 7.59 -10.36
C PHE A 134 -3.11 6.91 -9.14
N TYR A 135 -3.90 6.68 -8.11
CA TYR A 135 -3.41 6.04 -6.90
C TYR A 135 -2.81 4.67 -7.21
N LEU A 136 -3.52 3.88 -8.01
CA LEU A 136 -3.04 2.55 -8.35
C LEU A 136 -1.79 2.56 -9.24
N ALA A 137 -1.65 3.57 -10.07
CA ALA A 137 -0.46 3.66 -10.94
C ALA A 137 0.78 3.86 -10.06
N GLU A 138 0.70 4.82 -9.15
CA GLU A 138 1.81 5.11 -8.26
C GLU A 138 2.11 3.91 -7.35
N LEU A 139 1.05 3.22 -6.91
CA LEU A 139 1.23 2.08 -6.06
C LEU A 139 1.96 0.98 -6.83
N ALA A 140 1.65 0.88 -8.13
CA ALA A 140 2.28 -0.13 -9.00
C ALA A 140 3.80 0.08 -9.05
N LEU A 141 4.24 1.32 -9.18
CA LEU A 141 5.68 1.62 -9.23
C LEU A 141 6.34 1.27 -7.90
N GLY A 142 5.76 1.77 -6.81
CA GLY A 142 6.34 1.48 -5.49
C GLY A 142 6.35 0.00 -5.19
N LEU A 143 5.28 -0.68 -5.57
CA LEU A 143 5.16 -2.12 -5.33
C LEU A 143 6.22 -2.89 -6.12
N ASP A 144 6.36 -2.56 -7.40
CA ASP A 144 7.33 -3.24 -8.25
C ASP A 144 8.73 -3.00 -7.69
N HIS A 145 8.99 -1.79 -7.21
CA HIS A 145 10.29 -1.48 -6.64
C HIS A 145 10.56 -2.35 -5.40
N LEU A 146 9.58 -2.43 -4.50
CA LEU A 146 9.78 -3.26 -3.31
C LEU A 146 10.12 -4.68 -3.74
N HIS A 147 9.38 -5.17 -4.73
CA HIS A 147 9.61 -6.51 -5.25
C HIS A 147 11.04 -6.70 -5.74
N SER A 148 11.58 -5.71 -6.45
CA SER A 148 12.95 -5.81 -6.96
C SER A 148 13.92 -6.01 -5.79
N LEU A 149 13.58 -5.43 -4.64
CA LEU A 149 14.40 -5.54 -3.44
C LEU A 149 14.10 -6.83 -2.69
N GLY A 150 13.31 -7.70 -3.32
CA GLY A 150 12.94 -8.96 -2.69
C GLY A 150 11.99 -8.76 -1.54
N ILE A 151 11.26 -7.66 -1.54
CA ILE A 151 10.31 -7.38 -0.47
C ILE A 151 8.88 -7.72 -0.88
N ILE A 152 8.17 -8.44 -0.01
CA ILE A 152 6.79 -8.80 -0.27
C ILE A 152 5.94 -7.88 0.61
N TYR A 153 5.05 -7.12 -0.02
CA TYR A 153 4.18 -6.18 0.68
C TYR A 153 2.97 -6.90 1.27
N ARG A 154 3.21 -7.71 2.29
CA ARG A 154 2.16 -8.48 2.96
C ARG A 154 0.97 -7.66 3.44
N ASP A 155 1.24 -6.52 4.06
CA ASP A 155 0.15 -5.71 4.58
C ASP A 155 -0.37 -4.62 3.65
N LEU A 156 -0.55 -4.98 2.37
CA LEU A 156 -1.06 -4.05 1.38
C LEU A 156 -2.56 -3.89 1.63
N LYS A 157 -2.99 -2.64 1.78
CA LYS A 157 -4.39 -2.29 2.04
C LYS A 157 -4.46 -0.78 2.15
N PRO A 158 -5.63 -0.20 1.87
CA PRO A 158 -5.86 1.25 1.91
C PRO A 158 -5.33 1.93 3.18
N GLU A 159 -5.41 1.23 4.31
CA GLU A 159 -4.92 1.80 5.57
C GLU A 159 -3.42 2.12 5.53
N ASN A 160 -2.64 1.34 4.79
CA ASN A 160 -1.19 1.54 4.71
C ASN A 160 -0.73 2.39 3.56
N ILE A 161 -1.68 3.00 2.86
CA ILE A 161 -1.33 3.88 1.77
C ILE A 161 -1.63 5.29 2.28
N LEU A 162 -0.57 6.06 2.49
CA LEU A 162 -0.68 7.43 3.00
C LEU A 162 -0.48 8.46 1.90
N LEU A 163 -1.04 9.65 2.12
CA LEU A 163 -0.90 10.73 1.15
C LEU A 163 -0.08 11.85 1.78
N ASP A 164 0.78 12.49 0.98
CA ASP A 164 1.58 13.60 1.49
C ASP A 164 0.79 14.88 1.26
N GLU A 165 1.35 16.01 1.69
CA GLU A 165 0.67 17.30 1.55
C GLU A 165 0.27 17.62 0.11
N GLU A 166 0.94 17.00 -0.85
CA GLU A 166 0.62 17.23 -2.25
C GLU A 166 -0.55 16.39 -2.71
N GLY A 167 -0.54 15.11 -2.33
CA GLY A 167 -1.62 14.22 -2.74
C GLY A 167 -1.07 12.94 -3.32
N HIS A 168 0.26 12.86 -3.47
CA HIS A 168 0.90 11.66 -3.99
C HIS A 168 0.98 10.68 -2.84
N ILE A 169 0.91 9.39 -3.15
CA ILE A 169 0.94 8.34 -2.14
C ILE A 169 2.33 7.92 -1.70
N LYS A 170 2.36 7.30 -0.52
CA LYS A 170 3.59 6.79 0.08
C LYS A 170 3.23 5.46 0.74
N LEU A 171 3.85 4.38 0.28
CA LEU A 171 3.60 3.07 0.87
C LEU A 171 4.29 3.01 2.21
N THR A 172 3.62 2.39 3.19
CA THR A 172 4.18 2.28 4.52
C THR A 172 3.98 0.85 5.04
N ASP A 173 4.78 0.48 6.03
CA ASP A 173 4.68 -0.84 6.67
C ASP A 173 4.95 -2.00 5.74
N PHE A 174 6.17 -2.01 5.19
CA PHE A 174 6.63 -3.04 4.29
C PHE A 174 7.93 -3.54 4.91
N GLY A 175 8.71 -4.29 4.14
CA GLY A 175 9.98 -4.78 4.63
C GLY A 175 10.07 -6.25 4.94
N LEU A 176 8.94 -6.95 4.90
CA LEU A 176 8.94 -8.37 5.20
C LEU A 176 9.43 -9.16 4.02
N SER A 177 10.41 -10.03 4.27
CA SER A 177 10.97 -10.87 3.23
C SER A 177 10.51 -12.29 3.51
N LYS A 178 10.39 -12.61 4.80
CA LYS A 178 9.95 -13.93 5.24
C LYS A 178 8.84 -13.82 6.28
N GLU A 179 7.63 -14.18 5.87
CA GLU A 179 6.48 -14.14 6.77
C GLU A 179 5.96 -15.55 7.02
N GLY A 192 -3.42 -11.47 9.28
CA GLY A 192 -3.63 -10.10 8.76
C GLY A 192 -5.07 -9.85 8.36
N THR A 193 -5.30 -8.76 7.61
CA THR A 193 -6.64 -8.43 7.15
C THR A 193 -7.10 -9.50 6.16
N VAL A 194 -8.01 -10.36 6.60
CA VAL A 194 -8.48 -11.46 5.78
C VAL A 194 -9.07 -11.12 4.42
N GLU A 195 -9.84 -10.05 4.32
CA GLU A 195 -10.44 -9.67 3.04
C GLU A 195 -9.41 -9.41 1.95
N TYR A 196 -8.17 -9.07 2.34
CA TYR A 196 -7.13 -8.79 1.35
C TYR A 196 -6.21 -9.97 1.06
N MET A 197 -6.46 -11.11 1.70
CA MET A 197 -5.63 -12.30 1.50
C MET A 197 -5.84 -13.01 0.18
N ALA A 198 -4.74 -13.31 -0.48
CA ALA A 198 -4.78 -14.05 -1.74
C ALA A 198 -5.16 -15.49 -1.40
N PRO A 199 -5.75 -16.22 -2.35
CA PRO A 199 -6.14 -17.62 -2.12
C PRO A 199 -4.98 -18.57 -1.74
N GLU A 200 -3.79 -18.40 -2.34
CA GLU A 200 -2.67 -19.28 -1.99
C GLU A 200 -2.24 -19.01 -0.55
N VAL A 201 -2.51 -17.78 -0.08
CA VAL A 201 -2.17 -17.40 1.29
C VAL A 201 -3.20 -17.98 2.26
N VAL A 202 -4.48 -17.98 1.88
CA VAL A 202 -5.52 -18.54 2.74
C VAL A 202 -5.25 -20.03 2.92
N ASN A 203 -4.84 -20.69 1.85
CA ASN A 203 -4.55 -22.11 1.89
C ASN A 203 -3.11 -22.42 2.27
N ARG A 204 -2.38 -21.42 2.77
CA ARG A 204 -1.01 -21.58 3.18
C ARG A 204 -0.22 -22.44 2.20
N GLN A 205 -0.40 -22.16 0.91
CA GLN A 205 0.27 -22.90 -0.15
C GLN A 205 1.48 -22.13 -0.65
N GLY A 206 1.69 -20.94 -0.08
CA GLY A 206 2.81 -20.11 -0.48
C GLY A 206 2.44 -18.63 -0.36
N HIS A 207 3.43 -17.76 -0.46
CA HIS A 207 3.18 -16.32 -0.35
C HIS A 207 4.26 -15.52 -1.05
N SER A 208 4.15 -15.42 -2.37
CA SER A 208 5.13 -14.69 -3.16
C SER A 208 4.61 -13.33 -3.60
N HIS A 209 5.36 -12.71 -4.50
CA HIS A 209 5.04 -11.41 -5.05
C HIS A 209 3.64 -11.41 -5.67
N SER A 210 3.23 -12.58 -6.17
CA SER A 210 1.92 -12.74 -6.80
C SER A 210 0.78 -12.41 -5.85
N ALA A 211 0.95 -12.78 -4.58
CA ALA A 211 -0.06 -12.52 -3.57
C ALA A 211 -0.32 -11.00 -3.47
N ASP A 212 0.73 -10.20 -3.67
CA ASP A 212 0.61 -8.74 -3.61
C ASP A 212 -0.27 -8.23 -4.73
N TRP A 213 -0.15 -8.82 -5.91
CA TRP A 213 -0.95 -8.36 -7.03
C TRP A 213 -2.42 -8.67 -6.82
N TRP A 214 -2.71 -9.77 -6.12
CA TRP A 214 -4.09 -10.12 -5.80
C TRP A 214 -4.61 -9.01 -4.88
N SER A 215 -3.88 -8.76 -3.79
CA SER A 215 -4.28 -7.73 -2.84
C SER A 215 -4.44 -6.37 -3.53
N TYR A 216 -3.60 -6.14 -4.53
CA TYR A 216 -3.65 -4.91 -5.32
C TYR A 216 -5.01 -4.86 -6.03
N GLY A 217 -5.46 -6.01 -6.51
CA GLY A 217 -6.77 -6.08 -7.16
C GLY A 217 -7.87 -5.82 -6.14
N VAL A 218 -7.72 -6.35 -4.93
CA VAL A 218 -8.74 -6.13 -3.90
C VAL A 218 -8.87 -4.62 -3.60
N LEU A 219 -7.72 -3.95 -3.50
CA LEU A 219 -7.71 -2.51 -3.23
C LEU A 219 -8.41 -1.73 -4.35
N MET A 220 -8.16 -2.13 -5.59
CA MET A 220 -8.79 -1.48 -6.74
C MET A 220 -10.31 -1.65 -6.67
N PHE A 221 -10.77 -2.86 -6.37
CA PHE A 221 -12.20 -3.13 -6.28
C PHE A 221 -12.82 -2.32 -5.14
N GLU A 222 -12.15 -2.28 -4.00
CA GLU A 222 -12.68 -1.56 -2.84
C GLU A 222 -12.75 -0.06 -3.07
N MET A 223 -11.74 0.50 -3.75
CA MET A 223 -11.74 1.94 -4.02
C MET A 223 -12.78 2.32 -5.07
N LEU A 224 -12.99 1.46 -6.06
CA LEU A 224 -13.96 1.70 -7.12
C LEU A 224 -15.41 1.44 -6.73
N THR A 225 -15.65 0.53 -5.81
CA THR A 225 -17.03 0.18 -5.46
C THR A 225 -17.46 0.51 -4.06
N GLY A 226 -16.50 0.78 -3.18
CA GLY A 226 -16.81 1.05 -1.79
C GLY A 226 -17.02 -0.24 -1.01
N SER A 227 -16.92 -1.37 -1.71
CA SER A 227 -17.13 -2.67 -1.08
C SER A 227 -15.98 -3.64 -1.36
N LEU A 228 -15.90 -4.71 -0.56
CA LEU A 228 -14.86 -5.72 -0.76
C LEU A 228 -15.40 -6.78 -1.70
N PRO A 229 -14.54 -7.34 -2.57
CA PRO A 229 -15.00 -8.36 -3.51
C PRO A 229 -15.42 -9.67 -2.84
N PHE A 230 -14.69 -10.10 -1.82
CA PHE A 230 -15.00 -11.34 -1.10
C PHE A 230 -15.12 -11.11 0.39
N GLN A 231 -16.33 -11.20 0.91
CA GLN A 231 -16.52 -11.01 2.34
C GLN A 231 -17.73 -11.80 2.81
N GLY A 232 -17.57 -12.51 3.92
CA GLY A 232 -18.65 -13.31 4.46
C GLY A 232 -19.02 -12.79 5.83
N LYS A 233 -19.81 -13.56 6.56
CA LYS A 233 -20.26 -13.18 7.90
C LYS A 233 -19.15 -13.22 8.93
N ASP A 234 -18.18 -14.10 8.74
CA ASP A 234 -17.05 -14.21 9.66
C ASP A 234 -15.79 -14.51 8.86
N ARG A 235 -14.63 -14.51 9.53
CA ARG A 235 -13.37 -14.77 8.85
C ARG A 235 -13.39 -16.06 8.04
N LYS A 236 -14.01 -17.09 8.60
CA LYS A 236 -14.08 -18.39 7.92
C LYS A 236 -14.85 -18.36 6.62
N GLU A 237 -16.01 -17.72 6.61
CA GLU A 237 -16.79 -17.68 5.39
C GLU A 237 -16.01 -16.87 4.37
N THR A 238 -15.40 -15.76 4.82
CA THR A 238 -14.62 -14.91 3.92
C THR A 238 -13.48 -15.69 3.27
N MET A 239 -12.77 -16.48 4.06
CA MET A 239 -11.68 -17.26 3.50
C MET A 239 -12.23 -18.23 2.46
N THR A 240 -13.38 -18.85 2.74
CA THR A 240 -13.96 -19.79 1.80
C THR A 240 -14.39 -19.09 0.51
N LEU A 241 -14.91 -17.87 0.64
CA LEU A 241 -15.33 -17.12 -0.54
C LEU A 241 -14.11 -16.74 -1.39
N ILE A 242 -13.01 -16.41 -0.75
CA ILE A 242 -11.80 -16.06 -1.51
C ILE A 242 -11.36 -17.27 -2.33
N LEU A 243 -11.39 -18.43 -1.70
CA LEU A 243 -10.98 -19.67 -2.36
C LEU A 243 -11.76 -19.96 -3.64
N LYS A 244 -13.07 -19.75 -3.62
CA LYS A 244 -13.86 -20.00 -4.82
C LYS A 244 -13.57 -18.94 -5.88
N ALA A 245 -13.11 -17.76 -5.46
CA ALA A 245 -12.78 -16.68 -6.39
C ALA A 245 -13.99 -16.40 -7.29
N LYS A 246 -15.14 -16.46 -6.65
CA LYS A 246 -16.47 -16.23 -7.21
C LYS A 246 -16.73 -14.72 -7.24
N LEU A 247 -16.73 -14.07 -8.40
CA LEU A 247 -16.93 -12.63 -8.39
C LEU A 247 -17.90 -11.99 -9.37
N GLY A 248 -18.84 -11.23 -8.84
CA GLY A 248 -19.79 -10.54 -9.69
C GLY A 248 -19.25 -9.15 -9.96
N MET A 249 -19.18 -8.76 -11.23
CA MET A 249 -18.66 -7.44 -11.58
C MET A 249 -19.74 -6.37 -11.56
N PRO A 250 -19.61 -5.35 -10.70
CA PRO A 250 -20.64 -4.31 -10.71
C PRO A 250 -20.69 -3.66 -12.10
N GLN A 251 -21.88 -3.40 -12.59
CA GLN A 251 -22.08 -2.84 -13.93
C GLN A 251 -21.58 -1.46 -14.25
N PHE A 252 -21.38 -0.61 -13.24
CA PHE A 252 -20.89 0.73 -13.53
C PHE A 252 -19.39 0.79 -13.80
N LEU A 253 -18.68 -0.33 -13.65
CA LEU A 253 -17.23 -0.34 -13.90
C LEU A 253 -16.92 -0.40 -15.39
N SER A 254 -16.00 0.45 -15.85
CA SER A 254 -15.61 0.49 -17.25
C SER A 254 -15.12 -0.90 -17.68
N THR A 255 -15.14 -1.17 -18.99
CA THR A 255 -14.70 -2.49 -19.45
C THR A 255 -13.21 -2.69 -19.19
N GLU A 256 -12.45 -1.60 -19.20
CA GLU A 256 -11.01 -1.67 -18.94
C GLU A 256 -10.79 -2.07 -17.47
N ALA A 257 -11.54 -1.46 -16.56
CA ALA A 257 -11.40 -1.77 -15.13
C ALA A 257 -11.77 -3.22 -14.85
N GLN A 258 -12.88 -3.68 -15.43
CA GLN A 258 -13.33 -5.06 -15.24
C GLN A 258 -12.30 -6.05 -15.74
N SER A 259 -11.67 -5.73 -16.87
CA SER A 259 -10.66 -6.59 -17.46
C SER A 259 -9.44 -6.72 -16.55
N LEU A 260 -8.97 -5.59 -16.05
CA LEU A 260 -7.81 -5.60 -15.16
C LEU A 260 -8.13 -6.41 -13.91
N LEU A 261 -9.32 -6.18 -13.36
CA LEU A 261 -9.77 -6.89 -12.16
C LEU A 261 -9.80 -8.40 -12.37
N ARG A 262 -10.38 -8.86 -13.48
CA ARG A 262 -10.44 -10.30 -13.71
C ARG A 262 -9.05 -10.90 -13.90
N ALA A 263 -8.15 -10.11 -14.50
CA ALA A 263 -6.78 -10.59 -14.73
C ALA A 263 -6.05 -10.74 -13.39
N LEU A 264 -6.36 -9.86 -12.44
CA LEU A 264 -5.71 -9.91 -11.13
C LEU A 264 -6.30 -10.95 -10.20
N PHE A 265 -7.60 -11.22 -10.35
CA PHE A 265 -8.24 -12.20 -9.48
C PHE A 265 -8.21 -13.64 -10.00
N LYS A 266 -7.06 -14.04 -10.52
CA LYS A 266 -6.88 -15.40 -10.99
C LYS A 266 -6.53 -16.22 -9.75
N ARG A 267 -7.25 -17.30 -9.51
CA ARG A 267 -7.02 -18.15 -8.35
C ARG A 267 -5.59 -18.70 -8.35
N ASN A 268 -5.10 -19.10 -9.52
CA ASN A 268 -3.75 -19.64 -9.63
C ASN A 268 -2.74 -18.53 -9.80
N PRO A 269 -1.79 -18.41 -8.86
CA PRO A 269 -0.77 -17.36 -8.89
C PRO A 269 -0.01 -17.31 -10.21
N ALA A 270 0.09 -18.45 -10.89
CA ALA A 270 0.81 -18.53 -12.16
C ALA A 270 0.10 -17.83 -13.32
N ASN A 271 -1.23 -17.80 -13.30
CA ASN A 271 -1.97 -17.16 -14.38
C ASN A 271 -2.37 -15.74 -14.05
N ARG A 272 -2.08 -15.31 -12.82
CA ARG A 272 -2.42 -13.98 -12.37
C ARG A 272 -1.56 -12.92 -13.02
N LEU A 273 -2.15 -11.79 -13.37
CA LEU A 273 -1.41 -10.71 -14.00
C LEU A 273 -0.30 -10.29 -13.04
N GLY A 274 0.90 -10.10 -13.59
CA GLY A 274 2.04 -9.72 -12.77
C GLY A 274 3.00 -10.87 -12.54
N SER A 275 2.56 -12.09 -12.84
CA SER A 275 3.40 -13.26 -12.65
C SER A 275 4.34 -13.50 -13.85
N GLY A 276 5.09 -12.48 -14.26
CA GLY A 276 6.02 -12.60 -15.37
C GLY A 276 5.30 -12.90 -16.68
N PRO A 277 6.03 -13.07 -17.81
CA PRO A 277 7.48 -12.90 -17.84
C PRO A 277 7.92 -11.46 -17.58
N ASP A 278 7.23 -10.50 -18.19
CA ASP A 278 7.54 -9.08 -18.05
C ASP A 278 7.12 -8.55 -16.66
N GLY A 279 6.68 -9.46 -15.80
CA GLY A 279 6.27 -9.10 -14.45
C GLY A 279 5.33 -7.91 -14.34
N ALA A 280 5.72 -6.94 -13.52
CA ALA A 280 4.94 -5.73 -13.29
C ALA A 280 4.61 -4.98 -14.58
N GLU A 281 5.43 -5.18 -15.62
CA GLU A 281 5.17 -4.51 -16.89
C GLU A 281 3.84 -4.99 -17.48
N GLU A 282 3.48 -6.23 -17.16
CA GLU A 282 2.21 -6.79 -17.64
C GLU A 282 1.07 -5.86 -17.23
N ILE A 283 1.09 -5.47 -15.95
CA ILE A 283 0.05 -4.59 -15.43
C ILE A 283 0.17 -3.15 -15.92
N LYS A 284 1.39 -2.63 -15.96
CA LYS A 284 1.57 -1.25 -16.41
C LYS A 284 1.22 -1.05 -17.87
N ARG A 285 1.21 -2.14 -18.64
CA ARG A 285 0.88 -2.08 -20.05
C ARG A 285 -0.59 -2.41 -20.30
N HIS A 286 -1.33 -2.72 -19.24
CA HIS A 286 -2.74 -3.05 -19.38
C HIS A 286 -3.51 -1.82 -19.86
N VAL A 287 -4.48 -2.05 -20.73
CA VAL A 287 -5.30 -0.97 -21.29
C VAL A 287 -5.84 0.01 -20.25
N PHE A 288 -6.09 -0.45 -19.03
CA PHE A 288 -6.61 0.42 -17.98
C PHE A 288 -5.70 1.61 -17.73
N TYR A 289 -4.39 1.41 -17.89
CA TYR A 289 -3.44 2.49 -17.66
C TYR A 289 -2.94 3.18 -18.94
N SER A 290 -3.69 3.05 -20.03
CA SER A 290 -3.31 3.66 -21.31
C SER A 290 -2.91 5.12 -21.23
N THR A 291 -3.72 5.92 -20.54
CA THR A 291 -3.46 7.35 -20.42
C THR A 291 -2.40 7.72 -19.39
N ILE A 292 -1.67 6.72 -18.88
CA ILE A 292 -0.65 6.98 -17.88
C ILE A 292 0.79 7.03 -18.38
N ASP A 293 1.45 8.15 -18.14
CA ASP A 293 2.85 8.28 -18.53
C ASP A 293 3.69 7.99 -17.29
N TRP A 294 4.19 6.77 -17.20
CA TRP A 294 4.97 6.33 -16.07
C TRP A 294 6.21 7.16 -15.77
N ASN A 295 6.85 7.68 -16.81
CA ASN A 295 8.05 8.51 -16.62
C ASN A 295 7.71 9.73 -15.78
N LYS A 296 6.73 10.51 -16.22
CA LYS A 296 6.34 11.71 -15.48
C LYS A 296 5.68 11.37 -14.14
N LEU A 297 4.97 10.25 -14.09
CA LEU A 297 4.31 9.83 -12.86
C LEU A 297 5.41 9.64 -11.81
N TYR A 298 6.48 8.96 -12.22
CA TYR A 298 7.61 8.69 -11.34
C TYR A 298 8.20 10.02 -10.85
N ARG A 299 8.27 10.99 -11.74
CA ARG A 299 8.80 12.31 -11.41
C ARG A 299 7.79 13.14 -10.62
N ARG A 300 6.68 12.52 -10.26
CA ARG A 300 5.63 13.21 -9.52
C ARG A 300 5.19 14.44 -10.33
N GLU A 301 5.15 14.26 -11.65
CA GLU A 301 4.76 15.34 -12.55
C GLU A 301 3.25 15.39 -12.74
N ILE A 302 2.58 14.24 -12.59
CA ILE A 302 1.13 14.18 -12.74
C ILE A 302 0.45 14.78 -11.51
N LYS A 303 -0.43 15.75 -11.75
CA LYS A 303 -1.15 16.42 -10.68
C LYS A 303 -2.23 15.56 -10.06
N PRO A 304 -2.08 15.23 -8.76
CA PRO A 304 -3.06 14.41 -8.06
C PRO A 304 -4.45 15.04 -8.07
N PRO A 305 -5.46 14.19 -8.25
CA PRO A 305 -6.89 14.46 -8.31
C PRO A 305 -7.41 15.11 -7.06
N PHE A 306 -6.87 14.65 -5.96
CA PHE A 306 -7.27 15.09 -4.64
C PHE A 306 -6.11 15.77 -3.96
N LYS A 307 -6.38 16.92 -3.36
CA LYS A 307 -5.33 17.66 -2.67
C LYS A 307 -5.70 18.01 -1.22
N PRO A 308 -4.75 17.84 -0.30
CA PRO A 308 -4.89 18.12 1.13
C PRO A 308 -3.71 18.94 1.69
MG MG B . 0.43 1.91 8.74
PG ACP C . -1.50 -1.44 10.54
O1G ACP C . -2.04 -2.57 9.73
O2G ACP C . -0.47 -0.65 9.77
O3G ACP C . -1.00 -1.83 11.91
PB ACP C . -2.59 1.38 10.68
O1B ACP C . -3.89 2.18 10.80
O2B ACP C . -1.78 2.11 9.60
C3B ACP C . -2.84 -0.38 10.71
PA ACP C . -0.46 2.05 12.20
O1A ACP C . 0.61 1.57 11.22
O2A ACP C . -0.09 1.53 13.57
O3A ACP C . -1.82 1.25 11.95
O5' ACP C . -0.53 3.54 12.13
C5' ACP C . -1.47 4.12 12.99
C4' ACP C . -1.65 5.59 12.84
O4' ACP C . -0.45 6.19 12.31
C3' ACP C . -2.56 5.64 11.59
O3' ACP C . -3.49 6.69 11.68
C2' ACP C . -1.63 5.83 10.39
O2' ACP C . -2.39 6.43 9.38
C1' ACP C . -0.56 6.68 10.99
N9 ACP C . 0.82 6.64 10.44
C8 ACP C . 1.74 5.63 10.39
N7 ACP C . 2.88 6.06 9.79
C5 ACP C . 2.70 7.36 9.48
C6 ACP C . 3.48 8.42 8.83
N6 ACP C . 4.74 8.16 8.39
N1 ACP C . 2.91 9.68 8.68
C2 ACP C . 1.64 9.95 9.12
N3 ACP C . 0.88 8.99 9.72
C4 ACP C . 1.35 7.73 9.91
#